data_4Q7F
#
_entry.id   4Q7F
#
_cell.length_a   89.584
_cell.length_b   86.452
_cell.length_c   95.647
_cell.angle_alpha   90.00
_cell.angle_beta   116.86
_cell.angle_gamma   90.00
#
_symmetry.space_group_name_H-M   'C 1 2 1'
#
loop_
_entity.id
_entity.type
_entity.pdbx_description
1 polymer "5' nucleotidase family protein"
2 non-polymer 'MAGNESIUM ION'
3 non-polymer 'MANGANESE (II) ION'
4 non-polymer (2R,3S,5R)-5-(6-amino-9H-purin-9-yl)-tetrahydro-2-(hydroxymethyl)furan-3-ol
5 water water
#
_entity_poly.entity_id   1
_entity_poly.type   'polypeptide(L)'
_entity_poly.pdbx_seq_one_letter_code
;(MSE)GSSHHHHHHENLYFQGSNIAFYVVSDVHGYIFPTDFTSRNQYQP(MSE)GLLLANHVIEQDRRQYDQSFKIDNGD
FLQGSPFCNYLIAHSGSSQPLVDFYNR(MSE)AFDFGTLGNHEFNYGLPYLKDTLRRLNYPVLCANIYENDSTLTDNGVK
YFQVGDQTVGVIGLTTQFIPHWEQPEHIQSLTFHSAFEILQQYLPE(MSE)KRHADIIVVCYHGGFEKDLESGTPTEVLT
GENEGYA(MSE)LEAFSKDIDIFITGHQHRQIAERFKQTAVIQPGTRGTTVGRVVLSTDEYENLSVESCELLPVIDDSTF
TIDEDDQHLRKQLEDWLDYEITTLPYD(MSE)TINHAFEARVAPHPFTNF(MSE)NYALLEKSDADVACTALFDSASGFK
QVVT(MSE)RDVINNYPFPNTFKVLAVSGAKLKEAIERSAEYFDVKNDEVSVSADFLEPKPQHFNYDIYGGVSYTIHVGR
PKGQRVSN(MSE)(MSE)IQGHAVDLKQTYTICVNNYRAVGGGQYD(MSE)YIDAPVVKDIQVEGAQLLIDFLSNNNL
(MSE)RIPQVVDFKVEK
;
_entity_poly.pdbx_strand_id   A
#
loop_
_chem_comp.id
_chem_comp.type
_chem_comp.name
_chem_comp.formula
3D1 non-polymer (2R,3S,5R)-5-(6-amino-9H-purin-9-yl)-tetrahydro-2-(hydroxymethyl)furan-3-ol 'C10 H13 N5 O3'
MG non-polymer 'MAGNESIUM ION' 'Mg 2'
MN non-polymer 'MANGANESE (II) ION' 'Mn 2'
#
# COMPACT_ATOMS: atom_id res chain seq x y z
N SER A 18 -17.51 -31.69 14.03
CA SER A 18 -17.52 -31.07 12.67
C SER A 18 -16.67 -29.81 12.68
N ASN A 19 -16.25 -29.35 11.50
CA ASN A 19 -15.38 -28.19 11.46
C ASN A 19 -15.56 -27.30 10.24
N ILE A 20 -14.86 -26.17 10.26
CA ILE A 20 -14.94 -25.21 9.19
C ILE A 20 -13.68 -24.41 9.14
N ALA A 21 -13.13 -24.30 7.93
CA ALA A 21 -11.90 -23.54 7.77
C ALA A 21 -12.12 -22.26 7.02
N PHE A 22 -11.44 -21.22 7.50
CA PHE A 22 -11.44 -19.92 6.90
C PHE A 22 -10.07 -19.62 6.34
N TYR A 23 -10.02 -19.38 5.03
CA TYR A 23 -8.79 -19.03 4.33
C TYR A 23 -8.84 -17.59 3.87
N VAL A 24 -7.75 -16.88 4.10
CA VAL A 24 -7.71 -15.51 3.70
C VAL A 24 -6.40 -15.11 3.06
N VAL A 25 -6.53 -14.33 1.99
CA VAL A 25 -5.40 -13.67 1.34
C VAL A 25 -5.68 -12.18 1.56
N SER A 26 -4.62 -11.39 1.66
CA SER A 26 -4.76 -9.97 1.85
C SER A 26 -3.63 -9.27 1.15
N ASP A 27 -3.92 -8.06 0.67
CA ASP A 27 -2.92 -7.26 -0.02
C ASP A 27 -2.21 -8.02 -1.13
N VAL A 28 -3.00 -8.71 -1.95
CA VAL A 28 -2.48 -9.45 -3.09
C VAL A 28 -1.85 -8.46 -4.08
N HIS A 29 -2.48 -7.29 -4.17
CA HIS A 29 -1.98 -6.16 -4.93
C HIS A 29 -1.77 -6.39 -6.40
N GLY A 30 -2.59 -7.28 -6.98
CA GLY A 30 -2.51 -7.55 -8.41
C GLY A 30 -1.34 -8.42 -8.79
N TYR A 31 -0.73 -9.09 -7.80
CA TYR A 31 0.32 -10.07 -8.04
C TYR A 31 -0.38 -11.43 -8.18
N ILE A 32 -0.74 -11.74 -9.41
CA ILE A 32 -1.46 -12.95 -9.76
C ILE A 32 -0.47 -14.03 -10.19
N PHE A 33 0.43 -13.68 -11.10
CA PHE A 33 1.44 -14.59 -11.59
C PHE A 33 2.51 -14.82 -10.53
N PRO A 34 3.31 -15.90 -10.67
CA PRO A 34 4.36 -16.17 -9.67
C PRO A 34 5.62 -15.40 -9.98
N THR A 35 5.53 -14.06 -9.87
CA THR A 35 6.64 -13.16 -10.16
C THR A 35 6.44 -11.77 -9.56
N ASP A 36 7.56 -11.10 -9.25
CA ASP A 36 7.53 -9.72 -8.77
C ASP A 36 7.94 -8.78 -9.93
N PHE A 37 8.12 -9.36 -11.11
CA PHE A 37 8.47 -8.64 -12.36
C PHE A 37 9.86 -7.97 -12.42
N THR A 38 10.73 -8.31 -11.49
CA THR A 38 12.08 -7.73 -11.53
C THR A 38 12.79 -8.14 -12.84
N SER A 39 12.39 -9.26 -13.42
CA SER A 39 12.92 -9.69 -14.72
C SER A 39 11.87 -10.56 -15.41
N ARG A 40 11.90 -10.59 -16.74
CA ARG A 40 10.91 -11.30 -17.55
C ARG A 40 10.60 -12.73 -17.19
N ASN A 41 11.64 -13.54 -16.96
CA ASN A 41 11.46 -14.97 -16.69
C ASN A 41 11.40 -15.33 -15.21
N GLN A 42 11.40 -14.31 -14.36
CA GLN A 42 11.36 -14.46 -12.91
C GLN A 42 10.21 -15.40 -12.55
N TYR A 43 10.47 -16.28 -11.59
CA TYR A 43 9.47 -17.22 -11.09
C TYR A 43 9.78 -17.33 -9.61
N GLN A 44 8.75 -17.23 -8.78
CA GLN A 44 8.93 -17.23 -7.34
C GLN A 44 7.65 -17.78 -6.68
N PRO A 45 7.77 -18.45 -5.52
CA PRO A 45 6.57 -18.99 -4.90
C PRO A 45 5.71 -17.87 -4.27
N MSE A 46 4.83 -17.29 -5.06
CA MSE A 46 4.04 -16.13 -4.67
C MSE A 46 2.97 -15.91 -5.67
O MSE A 46 2.94 -16.54 -6.73
CB MSE A 46 4.94 -14.85 -4.75
CG MSE A 46 5.32 -14.45 -6.21
SE MSE A 46 6.44 -12.85 -6.15
CE MSE A 46 4.96 -11.57 -5.96
N GLY A 47 2.06 -15.01 -5.37
CA GLY A 47 1.00 -14.68 -6.29
C GLY A 47 -0.25 -15.47 -6.02
N LEU A 48 -1.37 -14.95 -6.52
CA LEU A 48 -2.68 -15.50 -6.26
C LEU A 48 -2.92 -16.86 -6.91
N LEU A 49 -2.39 -17.08 -8.10
CA LEU A 49 -2.57 -18.38 -8.74
C LEU A 49 -2.05 -19.48 -7.81
N LEU A 50 -0.82 -19.32 -7.32
CA LEU A 50 -0.20 -20.32 -6.49
C LEU A 50 -0.81 -20.33 -5.09
N ALA A 51 -1.08 -19.17 -4.52
CA ALA A 51 -1.70 -19.13 -3.20
C ALA A 51 -3.05 -19.82 -3.24
N ASN A 52 -3.81 -19.62 -4.32
CA ASN A 52 -5.11 -20.24 -4.43
C ASN A 52 -4.98 -21.76 -4.58
N HIS A 53 -3.99 -22.19 -5.36
CA HIS A 53 -3.69 -23.61 -5.52
C HIS A 53 -3.43 -24.24 -4.13
N VAL A 54 -2.76 -23.52 -3.26
CA VAL A 54 -2.47 -24.01 -1.91
C VAL A 54 -3.75 -24.16 -1.09
N ILE A 55 -4.68 -23.22 -1.26
CA ILE A 55 -5.95 -23.25 -0.56
C ILE A 55 -6.77 -24.45 -1.06
N GLU A 56 -6.88 -24.54 -2.37
CA GLU A 56 -7.64 -25.60 -3.01
C GLU A 56 -7.21 -26.99 -2.54
N GLN A 57 -5.90 -27.27 -2.57
CA GLN A 57 -5.43 -28.55 -2.08
C GLN A 57 -5.71 -28.76 -0.58
N ASP A 58 -5.43 -27.76 0.24
CA ASP A 58 -5.58 -27.89 1.70
C ASP A 58 -7.01 -27.95 2.25
N ARG A 59 -7.95 -27.32 1.56
CA ARG A 59 -9.30 -27.16 2.08
C ARG A 59 -10.13 -28.44 2.04
N ARG A 60 -9.73 -29.38 1.18
CA ARG A 60 -10.46 -30.62 1.00
C ARG A 60 -10.60 -31.47 2.30
N GLN A 61 -9.65 -31.35 3.23
CA GLN A 61 -9.70 -32.11 4.49
C GLN A 61 -10.79 -31.65 5.47
N TYR A 62 -11.27 -30.42 5.32
CA TYR A 62 -12.29 -29.87 6.21
C TYR A 62 -13.69 -30.15 5.74
N ASP A 63 -14.66 -30.11 6.65
CA ASP A 63 -16.05 -30.39 6.30
C ASP A 63 -16.61 -29.30 5.38
N GLN A 64 -16.18 -28.06 5.60
CA GLN A 64 -16.58 -26.93 4.78
C GLN A 64 -15.57 -25.82 5.02
N SER A 65 -15.50 -24.91 4.07
CA SER A 65 -14.54 -23.83 4.13
C SER A 65 -14.97 -22.64 3.32
N PHE A 66 -14.42 -21.48 3.72
CA PHE A 66 -14.65 -20.20 3.11
C PHE A 66 -13.31 -19.56 2.69
N LYS A 67 -13.40 -18.82 1.59
CA LYS A 67 -12.25 -18.16 0.96
C LYS A 67 -12.53 -16.65 0.88
N ILE A 68 -11.58 -15.88 1.42
CA ILE A 68 -11.71 -14.44 1.60
C ILE A 68 -10.54 -13.64 1.06
N ASP A 69 -10.84 -12.53 0.39
CA ASP A 69 -9.83 -11.53 0.01
C ASP A 69 -10.03 -10.32 0.92
N ASN A 70 -8.99 -9.90 1.62
CA ASN A 70 -9.13 -8.82 2.60
C ASN A 70 -8.63 -7.45 2.16
N GLY A 71 -8.72 -7.15 0.87
CA GLY A 71 -8.37 -5.81 0.39
C GLY A 71 -7.02 -5.59 -0.27
N ASP A 72 -6.93 -4.48 -0.99
CA ASP A 72 -5.73 -4.09 -1.72
C ASP A 72 -5.47 -5.12 -2.80
N PHE A 73 -6.48 -5.30 -3.64
CA PHE A 73 -6.43 -6.26 -4.72
C PHE A 73 -6.47 -5.62 -6.10
N LEU A 74 -6.81 -4.36 -6.19
CA LEU A 74 -7.02 -3.72 -7.48
C LEU A 74 -5.85 -2.89 -7.99
N GLN A 75 -4.89 -2.63 -7.12
CA GLN A 75 -3.71 -1.85 -7.46
C GLN A 75 -2.47 -2.46 -6.83
N GLY A 76 -1.31 -2.26 -7.46
CA GLY A 76 -0.09 -2.69 -6.85
C GLY A 76 1.01 -3.13 -7.77
N SER A 77 0.67 -3.98 -8.72
CA SER A 77 1.69 -4.55 -9.57
C SER A 77 1.65 -3.96 -10.97
N PRO A 78 2.68 -4.23 -11.78
CA PRO A 78 2.71 -3.79 -13.16
C PRO A 78 1.57 -4.36 -13.97
N PHE A 79 0.96 -5.44 -13.51
CA PHE A 79 -0.21 -6.01 -14.21
C PHE A 79 -1.35 -4.97 -14.12
N CYS A 80 -1.45 -4.34 -12.95
CA CYS A 80 -2.44 -3.30 -12.75
C CYS A 80 -2.15 -2.10 -13.70
N ASN A 81 -0.89 -1.68 -13.82
CA ASN A 81 -0.55 -0.62 -14.79
C ASN A 81 -0.96 -1.03 -16.18
N TYR A 82 -0.62 -2.26 -16.54
CA TYR A 82 -0.95 -2.82 -17.85
C TYR A 82 -2.44 -2.71 -18.15
N LEU A 83 -3.27 -3.05 -17.17
CA LEU A 83 -4.73 -3.01 -17.36
C LEU A 83 -5.25 -1.62 -17.63
N ILE A 84 -4.76 -0.63 -16.88
CA ILE A 84 -5.20 0.73 -17.06
C ILE A 84 -4.78 1.20 -18.44
N ALA A 85 -3.55 0.85 -18.83
CA ALA A 85 -3.01 1.26 -20.12
C ALA A 85 -3.66 0.56 -21.31
N HIS A 86 -4.34 -0.56 -21.11
CA HIS A 86 -4.97 -1.23 -22.25
C HIS A 86 -6.48 -1.00 -22.31
N SER A 87 -7.30 -1.88 -21.76
CA SER A 87 -8.74 -1.58 -21.87
C SER A 87 -9.23 -0.53 -20.87
N GLY A 88 -8.43 -0.24 -19.85
CA GLY A 88 -8.85 0.65 -18.79
C GLY A 88 -9.83 -0.15 -17.90
N SER A 89 -10.04 -1.42 -18.26
CA SER A 89 -10.95 -2.31 -17.53
C SER A 89 -10.22 -3.23 -16.57
N SER A 90 -10.83 -3.48 -15.43
CA SER A 90 -10.30 -4.41 -14.45
C SER A 90 -10.75 -5.87 -14.81
N GLN A 91 -11.49 -6.06 -15.90
CA GLN A 91 -12.02 -7.40 -16.21
C GLN A 91 -10.99 -8.54 -16.18
N PRO A 92 -9.82 -8.38 -16.83
CA PRO A 92 -8.84 -9.47 -16.79
C PRO A 92 -8.47 -9.90 -15.37
N LEU A 93 -8.36 -8.95 -14.47
N LEU A 93 -8.36 -8.94 -14.47
CA LEU A 93 -8.06 -9.24 -13.07
CA LEU A 93 -8.04 -9.22 -13.08
C LEU A 93 -9.26 -9.87 -12.38
C LEU A 93 -9.24 -9.81 -12.32
N VAL A 94 -10.44 -9.33 -12.65
CA VAL A 94 -11.68 -9.81 -12.05
C VAL A 94 -11.90 -11.28 -12.47
N ASP A 95 -11.62 -11.59 -13.72
CA ASP A 95 -11.75 -12.98 -14.21
C ASP A 95 -10.95 -13.97 -13.34
N PHE A 96 -9.73 -13.60 -12.94
CA PHE A 96 -8.95 -14.45 -12.06
C PHE A 96 -9.71 -14.69 -10.76
N TYR A 97 -10.17 -13.62 -10.11
CA TYR A 97 -10.89 -13.81 -8.85
C TYR A 97 -12.16 -14.63 -9.04
N ASN A 98 -12.88 -14.33 -10.10
CA ASN A 98 -14.11 -14.99 -10.37
C ASN A 98 -13.98 -16.49 -10.58
N ARG A 99 -12.93 -16.96 -11.27
N ARG A 99 -12.95 -16.94 -11.28
CA ARG A 99 -12.72 -18.41 -11.47
CA ARG A 99 -12.75 -18.37 -11.52
C ARG A 99 -12.51 -19.13 -10.16
C ARG A 99 -12.32 -19.14 -10.26
N MSE A 100 -11.90 -18.44 -9.20
CA MSE A 100 -11.51 -19.08 -7.94
C MSE A 100 -12.62 -19.31 -6.94
O MSE A 100 -12.39 -19.90 -5.88
CB MSE A 100 -10.44 -18.16 -7.33
CG MSE A 100 -9.21 -18.22 -8.22
SE MSE A 100 -7.85 -17.03 -7.47
CE MSE A 100 -6.59 -17.29 -8.98
N ALA A 101 -13.80 -18.79 -7.23
CA ALA A 101 -14.94 -18.98 -6.34
C ALA A 101 -14.73 -18.56 -4.88
N PHE A 102 -14.41 -17.28 -4.68
CA PHE A 102 -14.31 -16.71 -3.35
C PHE A 102 -15.72 -16.52 -2.80
N ASP A 103 -15.81 -16.28 -1.50
CA ASP A 103 -17.07 -16.12 -0.83
C ASP A 103 -17.34 -14.67 -0.54
N PHE A 104 -16.30 -13.94 -0.17
CA PHE A 104 -16.46 -12.55 0.05
C PHE A 104 -15.11 -11.89 0.24
N GLY A 105 -15.18 -10.57 0.24
CA GLY A 105 -14.00 -9.73 0.44
C GLY A 105 -14.29 -8.40 1.09
N THR A 106 -13.23 -7.60 1.22
CA THR A 106 -13.29 -6.29 1.80
C THR A 106 -12.54 -5.29 0.89
N LEU A 107 -12.69 -4.01 1.23
CA LEU A 107 -12.05 -2.95 0.49
C LEU A 107 -10.84 -2.46 1.22
N GLY A 108 -9.76 -2.30 0.45
CA GLY A 108 -8.53 -1.73 0.96
C GLY A 108 -8.42 -0.31 0.42
N ASN A 109 -7.49 0.49 0.95
CA ASN A 109 -7.34 1.85 0.48
C ASN A 109 -6.98 1.99 -0.99
N HIS A 110 -6.17 1.07 -1.51
CA HIS A 110 -5.74 1.11 -2.91
C HIS A 110 -6.83 0.80 -3.92
N GLU A 111 -7.97 0.29 -3.44
CA GLU A 111 -9.12 0.11 -4.32
C GLU A 111 -9.67 1.43 -4.86
N PHE A 112 -9.29 2.55 -4.24
CA PHE A 112 -9.72 3.87 -4.68
C PHE A 112 -8.72 4.59 -5.60
N ASN A 113 -7.49 4.05 -5.70
CA ASN A 113 -6.40 4.66 -6.48
C ASN A 113 -6.71 5.03 -7.92
N TYR A 114 -7.67 4.35 -8.54
CA TYR A 114 -7.98 4.64 -9.94
C TYR A 114 -9.33 5.29 -10.15
N GLY A 115 -9.92 5.82 -9.08
CA GLY A 115 -11.21 6.48 -9.18
C GLY A 115 -12.38 5.64 -8.70
N LEU A 116 -13.46 6.32 -8.31
CA LEU A 116 -14.62 5.65 -7.80
C LEU A 116 -15.37 4.84 -8.86
N PRO A 117 -15.54 5.38 -10.09
CA PRO A 117 -16.22 4.62 -11.14
C PRO A 117 -15.50 3.31 -11.49
N TYR A 118 -14.18 3.34 -11.52
CA TYR A 118 -13.40 2.15 -11.80
C TYR A 118 -13.68 1.11 -10.70
N LEU A 119 -13.69 1.55 -9.43
CA LEU A 119 -13.98 0.65 -8.31
C LEU A 119 -15.40 0.09 -8.39
N LYS A 120 -16.38 0.96 -8.57
CA LYS A 120 -17.78 0.53 -8.64
C LYS A 120 -17.97 -0.50 -9.75
N ASP A 121 -17.42 -0.23 -10.94
CA ASP A 121 -17.50 -1.18 -12.06
C ASP A 121 -16.88 -2.54 -11.68
N THR A 122 -15.76 -2.50 -10.97
CA THR A 122 -15.08 -3.68 -10.49
C THR A 122 -16.00 -4.50 -9.56
N LEU A 123 -16.60 -3.84 -8.57
CA LEU A 123 -17.46 -4.54 -7.64
C LEU A 123 -18.63 -5.24 -8.32
N ARG A 124 -19.19 -4.63 -9.35
N ARG A 124 -19.17 -4.65 -9.37
CA ARG A 124 -20.33 -5.25 -10.04
CA ARG A 124 -20.33 -5.25 -10.04
C ARG A 124 -19.91 -6.39 -10.97
C ARG A 124 -19.92 -6.37 -11.00
N ARG A 125 -18.64 -6.41 -11.38
CA ARG A 125 -18.12 -7.47 -12.24
C ARG A 125 -17.75 -8.75 -11.41
N LEU A 126 -17.43 -8.58 -10.12
CA LEU A 126 -17.09 -9.69 -9.24
C LEU A 126 -18.32 -10.53 -8.91
N ASN A 127 -18.10 -11.83 -8.76
CA ASN A 127 -19.18 -12.78 -8.47
C ASN A 127 -19.35 -13.14 -6.97
N TYR A 128 -18.88 -12.26 -6.09
CA TYR A 128 -19.07 -12.41 -4.66
C TYR A 128 -19.14 -11.00 -4.08
N PRO A 129 -19.75 -10.84 -2.90
CA PRO A 129 -19.89 -9.53 -2.29
C PRO A 129 -18.64 -8.99 -1.62
N VAL A 130 -18.50 -7.67 -1.64
CA VAL A 130 -17.40 -7.00 -0.96
C VAL A 130 -18.06 -6.28 0.22
N LEU A 131 -17.60 -6.61 1.44
CA LEU A 131 -18.24 -6.09 2.63
C LEU A 131 -17.48 -4.93 3.23
N CYS A 132 -18.14 -3.78 3.35
CA CYS A 132 -17.54 -2.57 3.96
C CYS A 132 -18.60 -1.81 4.72
N ALA A 133 -18.59 -1.96 6.05
CA ALA A 133 -19.60 -1.30 6.88
C ALA A 133 -19.29 0.14 7.32
N ASN A 134 -18.07 0.59 7.13
CA ASN A 134 -17.71 1.91 7.63
C ASN A 134 -17.35 3.01 6.61
N ILE A 135 -17.61 2.75 5.32
CA ILE A 135 -17.36 3.76 4.29
C ILE A 135 -18.70 4.03 3.67
N TYR A 136 -19.17 5.26 3.83
CA TYR A 136 -20.46 5.66 3.30
C TYR A 136 -20.35 6.52 2.06
N GLU A 137 -21.29 6.32 1.15
CA GLU A 137 -21.41 7.14 -0.03
C GLU A 137 -22.77 7.82 0.16
N ASN A 138 -22.75 9.13 0.37
CA ASN A 138 -23.96 9.87 0.67
C ASN A 138 -24.54 9.34 1.99
N ASP A 139 -25.79 8.87 1.97
N ASP A 139 -25.78 8.87 1.99
CA ASP A 139 -26.48 8.41 3.17
CA ASP A 139 -26.40 8.42 3.23
C ASP A 139 -26.57 6.89 3.37
C ASP A 139 -26.56 6.90 3.37
N SER A 140 -25.65 6.14 2.77
CA SER A 140 -25.66 4.68 2.89
C SER A 140 -24.25 4.16 2.60
N THR A 141 -24.03 2.87 2.84
CA THR A 141 -22.73 2.27 2.60
C THR A 141 -22.41 2.27 1.11
N LEU A 142 -21.14 2.51 0.78
CA LEU A 142 -20.67 2.48 -0.60
C LEU A 142 -20.99 1.10 -1.19
N THR A 143 -20.64 0.05 -0.44
CA THR A 143 -20.93 -1.33 -0.85
C THR A 143 -22.36 -1.69 -0.51
N ASP A 144 -22.91 -2.68 -1.21
CA ASP A 144 -24.27 -3.12 -0.95
C ASP A 144 -24.45 -3.49 0.52
N ASN A 145 -23.49 -4.21 1.08
CA ASN A 145 -23.59 -4.63 2.48
C ASN A 145 -22.27 -4.52 3.20
N GLY A 146 -22.37 -4.52 4.52
CA GLY A 146 -21.22 -4.51 5.39
C GLY A 146 -21.18 -5.72 6.27
N VAL A 147 -22.30 -6.45 6.37
CA VAL A 147 -22.38 -7.64 7.20
C VAL A 147 -23.04 -8.80 6.43
N LYS A 148 -22.54 -10.01 6.67
CA LYS A 148 -23.04 -11.25 6.06
C LYS A 148 -23.23 -12.31 7.14
N TYR A 149 -24.33 -13.05 7.05
CA TYR A 149 -24.58 -14.11 8.01
C TYR A 149 -24.77 -15.43 7.27
N PHE A 150 -24.30 -16.53 7.86
CA PHE A 150 -24.52 -17.86 7.29
C PHE A 150 -24.50 -18.92 8.39
N GLN A 151 -25.07 -20.09 8.10
CA GLN A 151 -25.12 -21.15 9.10
C GLN A 151 -24.03 -22.20 8.96
N VAL A 152 -23.60 -22.69 10.11
CA VAL A 152 -22.66 -23.80 10.23
C VAL A 152 -23.37 -24.72 11.21
N GLY A 153 -23.99 -25.77 10.68
CA GLY A 153 -24.78 -26.65 11.51
C GLY A 153 -25.91 -25.83 12.07
N ASP A 154 -26.13 -25.94 13.37
CA ASP A 154 -27.19 -25.19 14.05
C ASP A 154 -26.69 -23.85 14.65
N GLN A 155 -25.52 -23.41 14.19
N GLN A 155 -25.54 -23.39 14.18
CA GLN A 155 -24.92 -22.15 14.64
CA GLN A 155 -25.00 -22.11 14.64
C GLN A 155 -24.97 -21.14 13.50
C GLN A 155 -24.91 -21.14 13.49
N THR A 156 -24.75 -19.87 13.83
CA THR A 156 -24.70 -18.82 12.82
C THR A 156 -23.42 -18.06 12.95
N VAL A 157 -22.79 -17.81 11.81
CA VAL A 157 -21.59 -17.01 11.73
C VAL A 157 -21.97 -15.63 11.19
N GLY A 158 -21.43 -14.58 11.82
CA GLY A 158 -21.67 -13.22 11.39
C GLY A 158 -20.35 -12.60 10.98
N VAL A 159 -20.31 -12.00 9.79
CA VAL A 159 -19.10 -11.41 9.28
C VAL A 159 -19.28 -9.93 9.04
N ILE A 160 -18.35 -9.12 9.54
CA ILE A 160 -18.41 -7.71 9.30
C ILE A 160 -17.11 -7.26 8.63
N GLY A 161 -17.24 -6.51 7.54
CA GLY A 161 -16.11 -5.97 6.79
C GLY A 161 -15.88 -4.50 7.14
N LEU A 162 -14.63 -4.17 7.39
CA LEU A 162 -14.24 -2.82 7.79
C LEU A 162 -12.97 -2.42 7.09
N THR A 163 -12.81 -1.12 6.90
CA THR A 163 -11.66 -0.57 6.20
C THR A 163 -11.01 0.59 6.98
N THR A 164 -9.71 0.67 6.92
CA THR A 164 -8.99 1.82 7.56
C THR A 164 -9.67 3.17 7.19
N GLN A 165 -9.93 3.97 8.21
CA GLN A 165 -10.59 5.26 8.02
C GLN A 165 -9.65 6.33 7.46
N PHE A 166 -8.36 6.02 7.35
CA PHE A 166 -7.34 7.04 7.05
C PHE A 166 -7.20 7.42 5.56
N ILE A 167 -8.06 6.87 4.71
CA ILE A 167 -8.03 7.13 3.27
C ILE A 167 -7.89 8.62 2.84
N PRO A 168 -8.59 9.57 3.53
CA PRO A 168 -8.44 10.98 3.19
C PRO A 168 -7.01 11.52 3.27
N HIS A 169 -6.16 10.86 4.07
CA HIS A 169 -4.77 11.29 4.19
C HIS A 169 -3.89 10.81 3.04
N TRP A 170 -4.46 10.04 2.11
CA TRP A 170 -3.65 9.49 1.01
C TRP A 170 -4.19 9.68 -0.41
N GLU A 171 -5.49 9.54 -0.56
CA GLU A 171 -6.10 9.44 -1.89
C GLU A 171 -6.35 10.77 -2.61
N GLN A 172 -6.47 10.69 -3.94
N GLN A 172 -6.43 10.72 -3.94
CA GLN A 172 -6.84 11.83 -4.75
CA GLN A 172 -6.76 11.89 -4.73
C GLN A 172 -8.18 12.33 -4.21
C GLN A 172 -8.14 12.34 -4.24
N PRO A 173 -8.30 13.64 -3.93
CA PRO A 173 -9.59 14.21 -3.45
C PRO A 173 -10.76 13.91 -4.37
N GLU A 174 -10.54 14.02 -5.67
CA GLU A 174 -11.62 13.74 -6.63
C GLU A 174 -12.10 12.28 -6.57
N HIS A 175 -11.24 11.35 -6.12
CA HIS A 175 -11.64 9.95 -6.03
C HIS A 175 -12.53 9.61 -4.83
N ILE A 176 -12.55 10.46 -3.82
CA ILE A 176 -13.33 10.17 -2.62
C ILE A 176 -14.28 11.27 -2.18
N GLN A 177 -14.46 12.29 -3.02
CA GLN A 177 -15.24 13.49 -2.67
C GLN A 177 -16.66 13.29 -2.10
N SER A 178 -17.33 12.21 -2.50
CA SER A 178 -18.69 11.93 -2.03
C SER A 178 -18.74 10.93 -0.87
N LEU A 179 -17.57 10.54 -0.38
CA LEU A 179 -17.50 9.50 0.63
C LEU A 179 -17.24 10.02 2.03
N THR A 180 -17.68 9.22 2.99
CA THR A 180 -17.49 9.48 4.41
C THR A 180 -16.86 8.23 5.03
N PHE A 181 -15.74 8.41 5.72
CA PHE A 181 -15.00 7.31 6.35
C PHE A 181 -15.17 7.31 7.84
N HIS A 182 -15.80 6.29 8.39
CA HIS A 182 -16.00 6.23 9.83
C HIS A 182 -14.99 5.32 10.53
N SER A 183 -14.69 5.65 11.78
CA SER A 183 -13.80 4.82 12.60
C SER A 183 -14.26 3.35 12.60
N ALA A 184 -13.32 2.44 12.33
CA ALA A 184 -13.63 1.01 12.33
C ALA A 184 -14.01 0.57 13.73
N PHE A 185 -13.37 1.16 14.73
CA PHE A 185 -13.68 0.85 16.12
C PHE A 185 -15.13 1.21 16.45
N GLU A 186 -15.54 2.40 16.05
CA GLU A 186 -16.90 2.89 16.36
C GLU A 186 -17.98 2.08 15.66
N ILE A 187 -17.77 1.77 14.39
CA ILE A 187 -18.77 0.99 13.64
C ILE A 187 -18.85 -0.43 14.24
N LEU A 188 -17.71 -1.01 14.59
CA LEU A 188 -17.70 -2.33 15.19
C LEU A 188 -18.48 -2.28 16.50
N GLN A 189 -18.13 -1.32 17.35
CA GLN A 189 -18.77 -1.13 18.64
C GLN A 189 -20.29 -1.05 18.54
N GLN A 190 -20.75 -0.36 17.50
CA GLN A 190 -22.17 -0.17 17.29
C GLN A 190 -22.86 -1.43 16.76
N TYR A 191 -22.17 -2.20 15.90
CA TYR A 191 -22.73 -3.43 15.34
C TYR A 191 -22.69 -4.67 16.24
N LEU A 192 -21.69 -4.77 17.12
CA LEU A 192 -21.57 -5.95 17.97
C LEU A 192 -22.84 -6.42 18.64
N PRO A 193 -23.53 -5.53 19.36
CA PRO A 193 -24.75 -5.97 20.02
C PRO A 193 -25.71 -6.71 19.08
N GLU A 194 -25.96 -6.15 17.90
CA GLU A 194 -26.87 -6.75 16.93
C GLU A 194 -26.31 -8.05 16.38
N MSE A 195 -25.00 -8.09 16.13
CA MSE A 195 -24.36 -9.28 15.62
C MSE A 195 -24.50 -10.40 16.62
O MSE A 195 -24.88 -11.50 16.24
CB MSE A 195 -22.90 -8.98 15.28
CG MSE A 195 -22.88 -8.18 13.99
SE MSE A 195 -21.04 -7.83 13.35
CE MSE A 195 -20.01 -7.81 15.02
N LYS A 196 -24.24 -10.12 17.89
CA LYS A 196 -24.37 -11.15 18.91
C LYS A 196 -25.82 -11.64 19.07
N ARG A 197 -26.81 -10.82 18.73
CA ARG A 197 -28.22 -11.27 18.79
C ARG A 197 -28.52 -12.21 17.63
N HIS A 198 -27.83 -12.02 16.51
CA HIS A 198 -28.09 -12.83 15.33
C HIS A 198 -27.12 -14.03 15.22
N ALA A 199 -25.90 -13.91 15.72
CA ALA A 199 -24.88 -14.97 15.54
C ALA A 199 -24.16 -15.48 16.79
N ASP A 200 -23.65 -16.71 16.66
CA ASP A 200 -22.90 -17.38 17.72
C ASP A 200 -21.41 -17.17 17.51
N ILE A 201 -21.00 -17.02 16.25
CA ILE A 201 -19.60 -16.79 15.89
C ILE A 201 -19.47 -15.49 15.12
N ILE A 202 -18.50 -14.67 15.52
CA ILE A 202 -18.25 -13.38 14.90
C ILE A 202 -16.85 -13.31 14.29
N VAL A 203 -16.83 -12.88 13.03
CA VAL A 203 -15.62 -12.74 12.25
C VAL A 203 -15.53 -11.32 11.76
N VAL A 204 -14.44 -10.65 12.15
CA VAL A 204 -14.19 -9.30 11.71
C VAL A 204 -13.12 -9.33 10.63
N CYS A 205 -13.42 -8.78 9.45
CA CYS A 205 -12.43 -8.67 8.38
C CYS A 205 -12.14 -7.19 8.21
N TYR A 206 -11.01 -6.79 8.76
CA TYR A 206 -10.60 -5.40 8.79
C TYR A 206 -9.40 -5.15 7.91
N HIS A 207 -9.55 -4.33 6.87
CA HIS A 207 -8.41 -3.99 6.09
C HIS A 207 -7.71 -2.86 6.85
N GLY A 208 -6.93 -3.24 7.85
CA GLY A 208 -6.19 -2.33 8.70
C GLY A 208 -5.40 -3.24 9.62
N GLY A 209 -4.54 -2.65 10.43
CA GLY A 209 -3.68 -3.43 11.32
C GLY A 209 -3.66 -3.03 12.78
N PHE A 210 -2.50 -3.22 13.40
CA PHE A 210 -2.32 -2.99 14.82
C PHE A 210 -1.40 -1.82 15.10
N GLU A 211 -1.91 -0.91 15.93
CA GLU A 211 -1.22 0.31 16.33
C GLU A 211 -0.43 0.13 17.62
N LYS A 212 -0.66 -0.99 18.30
CA LYS A 212 0.07 -1.36 19.52
C LYS A 212 0.46 -2.82 19.40
N ASP A 213 1.53 -3.20 20.10
CA ASP A 213 2.02 -4.58 20.11
C ASP A 213 0.96 -5.44 20.80
N LEU A 214 0.54 -6.52 20.15
CA LEU A 214 -0.51 -7.38 20.70
C LEU A 214 -0.21 -7.94 22.10
N GLU A 215 1.03 -8.30 22.37
CA GLU A 215 1.39 -8.88 23.67
C GLU A 215 1.53 -7.84 24.79
N SER A 216 2.27 -6.77 24.53
CA SER A 216 2.54 -5.75 25.55
C SER A 216 1.56 -4.59 25.61
N GLY A 217 0.90 -4.30 24.49
CA GLY A 217 -0.01 -3.14 24.43
C GLY A 217 0.76 -1.82 24.25
N THR A 218 2.06 -1.91 23.99
CA THR A 218 2.90 -0.73 23.79
C THR A 218 2.72 -0.16 22.39
N PRO A 219 2.51 1.17 22.29
CA PRO A 219 2.37 1.75 20.95
C PRO A 219 3.56 1.40 20.08
N THR A 220 3.28 1.04 18.83
CA THR A 220 4.32 0.69 17.85
C THR A 220 4.33 1.71 16.69
N GLU A 221 3.46 2.71 16.76
CA GLU A 221 3.39 3.78 15.76
C GLU A 221 2.63 4.89 16.47
N VAL A 222 2.64 6.10 15.91
CA VAL A 222 1.87 7.21 16.50
C VAL A 222 0.38 6.87 16.34
N LEU A 223 -0.39 7.15 17.39
CA LEU A 223 -1.82 6.78 17.44
C LEU A 223 -2.73 7.73 16.65
N THR A 224 -2.68 7.63 15.33
CA THR A 224 -3.45 8.51 14.43
C THR A 224 -4.87 8.04 14.09
N GLY A 225 -5.19 6.79 14.39
CA GLY A 225 -6.49 6.25 14.02
C GLY A 225 -6.42 5.47 12.70
N GLU A 226 -5.27 5.55 12.02
CA GLU A 226 -5.08 4.79 10.78
C GLU A 226 -5.34 3.32 11.05
N ASN A 227 -4.72 2.84 12.12
CA ASN A 227 -4.83 1.45 12.54
C ASN A 227 -5.49 1.41 13.89
N GLU A 228 -6.58 0.65 13.98
CA GLU A 228 -7.35 0.56 15.20
C GLU A 228 -7.54 -0.88 15.68
N GLY A 229 -6.75 -1.80 15.16
CA GLY A 229 -6.90 -3.22 15.50
C GLY A 229 -6.72 -3.56 16.96
N TYR A 230 -5.75 -2.93 17.62
CA TYR A 230 -5.51 -3.22 19.03
C TYR A 230 -6.69 -2.75 19.88
N ALA A 231 -7.11 -1.52 19.69
CA ALA A 231 -8.24 -0.97 20.44
C ALA A 231 -9.48 -1.84 20.24
N MSE A 232 -9.65 -2.37 19.03
CA MSE A 232 -10.80 -3.23 18.73
C MSE A 232 -10.74 -4.52 19.53
O MSE A 232 -11.74 -4.93 20.15
CB MSE A 232 -10.84 -3.47 17.22
CG MSE A 232 -11.37 -2.25 16.48
SE MSE A 232 -10.71 -2.24 14.62
CE MSE A 232 -12.32 -3.11 13.86
N LEU A 233 -9.60 -5.18 19.53
CA LEU A 233 -9.43 -6.42 20.30
C LEU A 233 -9.52 -6.15 21.80
N GLU A 234 -8.74 -5.16 22.26
CA GLU A 234 -8.70 -4.79 23.66
C GLU A 234 -10.12 -4.59 24.22
N ALA A 235 -10.99 -3.95 23.44
CA ALA A 235 -12.35 -3.66 23.87
C ALA A 235 -13.34 -4.79 23.60
N PHE A 236 -13.19 -5.49 22.48
CA PHE A 236 -14.18 -6.50 22.10
C PHE A 236 -13.73 -7.95 21.89
N SER A 237 -12.51 -8.29 22.32
CA SER A 237 -12.01 -9.67 22.12
C SER A 237 -13.00 -10.79 22.50
N LYS A 238 -13.58 -10.70 23.69
CA LYS A 238 -14.51 -11.77 24.16
C LYS A 238 -15.69 -12.07 23.24
N ASP A 239 -16.04 -11.12 22.36
CA ASP A 239 -17.15 -11.28 21.44
C ASP A 239 -16.70 -11.56 19.99
N ILE A 240 -15.39 -11.55 19.77
CA ILE A 240 -14.81 -11.79 18.44
C ILE A 240 -14.07 -13.12 18.47
N ASP A 241 -14.43 -13.99 17.54
CA ASP A 241 -13.83 -15.31 17.42
C ASP A 241 -12.66 -15.25 16.43
N ILE A 242 -12.83 -14.55 15.32
CA ILE A 242 -11.79 -14.45 14.32
C ILE A 242 -11.62 -12.98 13.93
N PHE A 243 -10.38 -12.51 13.97
CA PHE A 243 -10.05 -11.12 13.66
C PHE A 243 -9.04 -11.13 12.52
N ILE A 244 -9.56 -10.90 11.32
CA ILE A 244 -8.77 -10.88 10.09
C ILE A 244 -8.34 -9.46 9.82
N THR A 245 -7.03 -9.29 9.58
CA THR A 245 -6.45 -7.99 9.34
C THR A 245 -5.56 -7.96 8.09
N GLY A 246 -5.08 -6.78 7.72
CA GLY A 246 -4.23 -6.62 6.53
C GLY A 246 -3.58 -5.25 6.60
N HIS A 247 -3.37 -4.65 5.43
CA HIS A 247 -2.87 -3.28 5.28
C HIS A 247 -1.42 -3.02 5.62
N GLN A 248 -0.95 -3.60 6.72
CA GLN A 248 0.42 -3.39 7.15
C GLN A 248 1.37 -4.39 6.50
N HIS A 249 0.85 -5.43 5.81
CA HIS A 249 1.69 -6.43 5.15
C HIS A 249 2.53 -7.26 6.13
N ARG A 250 2.07 -7.36 7.36
CA ARG A 250 2.76 -8.14 8.37
C ARG A 250 2.25 -9.58 8.35
N GLN A 251 3.05 -10.49 8.94
CA GLN A 251 2.70 -11.90 9.03
C GLN A 251 2.41 -12.24 10.48
N ILE A 252 1.12 -12.36 10.77
CA ILE A 252 0.64 -12.60 12.11
C ILE A 252 -0.38 -13.71 12.13
N ALA A 253 -0.27 -14.58 13.12
CA ALA A 253 -1.21 -15.69 13.34
C ALA A 253 -1.01 -16.13 14.77
N GLU A 254 -1.87 -15.64 15.65
CA GLU A 254 -1.76 -15.94 17.06
C GLU A 254 -3.11 -15.74 17.70
N ARG A 255 -3.16 -15.88 19.02
N ARG A 255 -3.15 -15.87 19.02
CA ARG A 255 -4.41 -15.71 19.75
CA ARG A 255 -4.38 -15.73 19.78
C ARG A 255 -4.34 -14.47 20.63
C ARG A 255 -4.33 -14.47 20.63
N PHE A 256 -5.45 -13.73 20.69
CA PHE A 256 -5.56 -12.57 21.58
C PHE A 256 -6.68 -13.05 22.49
N LYS A 257 -6.33 -13.47 23.69
CA LYS A 257 -7.29 -14.08 24.60
C LYS A 257 -7.86 -15.31 23.84
N GLN A 258 -9.15 -15.37 23.56
CA GLN A 258 -9.70 -16.53 22.81
C GLN A 258 -9.83 -16.25 21.31
N THR A 259 -9.57 -15.01 20.92
CA THR A 259 -9.72 -14.60 19.53
C THR A 259 -8.58 -15.09 18.63
N ALA A 260 -8.92 -15.64 17.46
CA ALA A 260 -7.90 -16.02 16.50
C ALA A 260 -7.58 -14.75 15.69
N VAL A 261 -6.30 -14.35 15.70
CA VAL A 261 -5.85 -13.14 14.99
C VAL A 261 -4.94 -13.49 13.82
N ILE A 262 -5.26 -12.95 12.65
CA ILE A 262 -4.54 -13.18 11.42
C ILE A 262 -4.19 -11.94 10.61
N GLN A 263 -2.97 -11.93 10.08
CA GLN A 263 -2.54 -10.91 9.11
C GLN A 263 -1.68 -11.75 8.15
N PRO A 264 -2.16 -11.91 6.91
CA PRO A 264 -1.50 -12.78 5.98
C PRO A 264 -0.54 -12.15 4.99
N GLY A 265 0.30 -11.23 5.44
CA GLY A 265 1.29 -10.65 4.57
C GLY A 265 0.77 -9.94 3.32
N THR A 266 1.45 -10.19 2.21
CA THR A 266 1.13 -9.51 0.97
C THR A 266 1.67 -10.29 -0.21
N ARG A 267 1.10 -10.01 -1.38
CA ARG A 267 1.52 -10.63 -2.65
C ARG A 267 1.41 -12.15 -2.73
N GLY A 268 0.56 -12.73 -1.90
CA GLY A 268 0.31 -14.18 -1.91
C GLY A 268 1.50 -15.06 -1.55
N THR A 269 2.37 -14.62 -0.64
CA THR A 269 3.48 -15.44 -0.19
C THR A 269 3.00 -16.31 0.96
N THR A 270 1.86 -15.95 1.56
CA THR A 270 1.26 -16.74 2.65
C THR A 270 -0.28 -16.67 2.53
N VAL A 271 -0.94 -17.57 3.24
CA VAL A 271 -2.38 -17.70 3.30
C VAL A 271 -2.74 -17.91 4.77
N GLY A 272 -3.70 -17.16 5.29
CA GLY A 272 -4.13 -17.32 6.68
C GLY A 272 -5.18 -18.41 6.71
N ARG A 273 -5.08 -19.30 7.70
CA ARG A 273 -6.08 -20.38 7.86
C ARG A 273 -6.51 -20.42 9.32
N VAL A 274 -7.81 -20.28 9.56
CA VAL A 274 -8.35 -20.38 10.88
C VAL A 274 -9.39 -21.47 10.83
N VAL A 275 -9.27 -22.45 11.72
CA VAL A 275 -10.20 -23.56 11.78
C VAL A 275 -10.98 -23.51 13.07
N LEU A 276 -12.29 -23.70 12.91
CA LEU A 276 -13.17 -23.77 14.06
C LEU A 276 -13.73 -25.19 14.06
N SER A 277 -13.91 -25.78 15.24
CA SER A 277 -14.49 -27.14 15.35
C SER A 277 -15.41 -27.24 16.56
N THR A 278 -16.40 -28.13 16.47
CA THR A 278 -17.37 -28.32 17.53
C THR A 278 -16.86 -29.16 18.70
N ASP A 279 -17.39 -28.90 19.88
CA ASP A 279 -17.07 -29.65 21.09
C ASP A 279 -18.32 -30.44 21.43
N GLU A 280 -18.37 -31.13 22.57
CA GLU A 280 -19.61 -31.79 22.93
C GLU A 280 -20.46 -30.59 23.31
N TYR A 281 -21.72 -30.59 22.85
CA TYR A 281 -22.67 -29.45 23.01
C TYR A 281 -22.81 -28.79 21.62
N GLU A 282 -21.93 -29.19 20.70
CA GLU A 282 -21.93 -28.68 19.33
C GLU A 282 -21.73 -27.17 19.26
N ASN A 283 -20.76 -26.69 20.03
CA ASN A 283 -20.38 -25.30 20.08
C ASN A 283 -19.03 -25.12 19.39
N LEU A 284 -19.01 -24.28 18.37
CA LEU A 284 -17.78 -24.01 17.62
C LEU A 284 -16.77 -23.21 18.44
N SER A 285 -15.52 -23.66 18.41
CA SER A 285 -14.44 -22.95 19.09
C SER A 285 -13.24 -23.00 18.18
N VAL A 286 -12.32 -22.08 18.40
CA VAL A 286 -11.11 -22.01 17.61
C VAL A 286 -10.26 -23.23 17.86
N GLU A 287 -9.93 -23.94 16.78
CA GLU A 287 -9.08 -25.09 16.86
C GLU A 287 -7.66 -24.68 16.52
N SER A 288 -7.50 -23.98 15.40
CA SER A 288 -6.18 -23.55 14.95
C SER A 288 -6.23 -22.21 14.22
N CYS A 289 -5.08 -21.53 14.21
CA CYS A 289 -4.93 -20.23 13.56
C CYS A 289 -3.46 -20.08 13.14
N GLU A 290 -3.20 -20.14 11.82
CA GLU A 290 -1.83 -20.11 11.36
C GLU A 290 -1.71 -19.57 9.95
N LEU A 291 -0.47 -19.41 9.49
CA LEU A 291 -0.21 -18.97 8.14
C LEU A 291 0.35 -20.16 7.43
N LEU A 292 -0.17 -20.46 6.26
CA LEU A 292 0.31 -21.55 5.47
C LEU A 292 1.30 -20.97 4.47
N PRO A 293 2.51 -21.57 4.34
CA PRO A 293 3.43 -21.04 3.35
C PRO A 293 2.96 -21.30 1.93
N VAL A 294 3.16 -20.35 1.02
CA VAL A 294 2.82 -20.59 -0.36
C VAL A 294 4.06 -21.19 -1.03
N ILE A 295 3.94 -22.41 -1.53
CA ILE A 295 5.07 -23.11 -2.13
C ILE A 295 4.72 -23.69 -3.48
N ASP A 296 5.74 -23.92 -4.29
CA ASP A 296 5.58 -24.52 -5.60
C ASP A 296 5.41 -26.01 -5.36
N ASP A 297 4.74 -26.70 -6.26
CA ASP A 297 4.62 -28.14 -6.15
C ASP A 297 4.47 -28.68 -7.56
N SER A 298 4.57 -29.98 -7.72
CA SER A 298 4.53 -30.55 -9.03
C SER A 298 3.16 -30.66 -9.68
N THR A 299 2.09 -30.29 -8.96
CA THR A 299 0.75 -30.36 -9.56
C THR A 299 0.26 -29.02 -10.06
N PHE A 300 0.94 -27.95 -9.66
CA PHE A 300 0.55 -26.62 -10.06
C PHE A 300 0.82 -26.38 -11.52
N THR A 301 -0.19 -25.94 -12.24
CA THR A 301 -0.03 -25.59 -13.64
C THR A 301 -0.77 -24.30 -13.93
N ILE A 302 -0.31 -23.58 -14.94
CA ILE A 302 -0.91 -22.35 -15.36
C ILE A 302 -1.44 -22.65 -16.75
N ASP A 303 -2.73 -22.46 -16.97
CA ASP A 303 -3.30 -22.80 -18.28
C ASP A 303 -2.81 -21.86 -19.39
N GLU A 304 -2.95 -22.31 -20.64
CA GLU A 304 -2.45 -21.60 -21.82
C GLU A 304 -2.84 -20.12 -21.93
N ASP A 305 -4.10 -19.79 -21.66
CA ASP A 305 -4.61 -18.43 -21.79
C ASP A 305 -3.94 -17.54 -20.77
N ASP A 306 -3.82 -18.03 -19.54
CA ASP A 306 -3.13 -17.28 -18.51
C ASP A 306 -1.66 -17.05 -18.91
N GLN A 307 -0.97 -18.04 -19.44
N GLN A 307 -1.01 -18.06 -19.48
CA GLN A 307 0.43 -17.82 -19.85
CA GLN A 307 0.37 -17.94 -19.93
C GLN A 307 0.49 -16.85 -21.04
C GLN A 307 0.47 -16.89 -21.03
N HIS A 308 -0.52 -16.88 -21.93
CA HIS A 308 -0.55 -15.94 -23.02
C HIS A 308 -0.66 -14.50 -22.49
N LEU A 309 -1.51 -14.29 -21.49
CA LEU A 309 -1.65 -12.98 -20.86
C LEU A 309 -0.33 -12.54 -20.22
N ARG A 310 0.31 -13.43 -19.45
CA ARG A 310 1.62 -13.15 -18.86
C ARG A 310 2.60 -12.68 -19.97
N LYS A 311 2.60 -13.37 -21.09
CA LYS A 311 3.51 -13.00 -22.21
C LYS A 311 3.25 -11.60 -22.73
N GLN A 312 1.97 -11.29 -22.96
CA GLN A 312 1.57 -9.95 -23.42
C GLN A 312 2.06 -8.92 -22.41
N LEU A 313 1.89 -9.25 -21.14
CA LEU A 313 2.31 -8.37 -20.06
C LEU A 313 3.82 -8.17 -20.10
N GLU A 314 4.58 -9.26 -20.18
CA GLU A 314 6.05 -9.14 -20.23
C GLU A 314 6.48 -8.38 -21.48
N ASP A 315 5.83 -8.67 -22.62
CA ASP A 315 6.17 -7.96 -23.85
C ASP A 315 6.03 -6.43 -23.66
N TRP A 316 4.93 -6.00 -23.04
CA TRP A 316 4.69 -4.60 -22.77
C TRP A 316 5.75 -4.05 -21.84
N LEU A 317 6.07 -4.82 -20.80
CA LEU A 317 7.09 -4.40 -19.85
C LEU A 317 8.47 -4.24 -20.50
N ASP A 318 8.72 -4.98 -21.57
CA ASP A 318 10.00 -4.89 -22.26
C ASP A 318 10.09 -3.75 -23.26
N TYR A 319 8.98 -3.04 -23.49
CA TYR A 319 8.94 -1.95 -24.45
C TYR A 319 10.01 -0.94 -24.08
N GLU A 320 10.85 -0.61 -25.05
CA GLU A 320 11.94 0.33 -24.81
C GLU A 320 11.48 1.79 -24.87
N ILE A 321 11.72 2.52 -23.78
CA ILE A 321 11.35 3.92 -23.69
C ILE A 321 12.42 4.76 -24.38
N THR A 322 13.68 4.58 -23.96
CA THR A 322 14.81 5.29 -24.54
C THR A 322 16.10 4.59 -24.15
N THR A 323 17.20 5.09 -24.73
CA THR A 323 18.54 4.65 -24.40
C THR A 323 19.29 5.90 -23.96
N LEU A 324 19.78 5.90 -22.73
CA LEU A 324 20.49 7.04 -22.17
C LEU A 324 21.97 6.90 -22.46
N PRO A 325 22.72 8.02 -22.45
CA PRO A 325 24.16 7.93 -22.72
C PRO A 325 24.99 7.49 -21.51
N TYR A 326 24.36 7.28 -20.35
CA TYR A 326 25.07 6.86 -19.14
C TYR A 326 24.16 6.09 -18.18
N ASP A 327 24.80 5.36 -17.26
CA ASP A 327 24.08 4.55 -16.28
C ASP A 327 23.71 5.39 -15.06
N MSE A 328 22.52 5.12 -14.51
CA MSE A 328 22.01 5.79 -13.32
C MSE A 328 21.46 4.76 -12.38
O MSE A 328 20.43 4.97 -11.73
CB MSE A 328 20.87 6.74 -13.71
CG MSE A 328 21.37 8.05 -14.30
SE MSE A 328 19.89 9.35 -14.34
CE MSE A 328 18.52 8.28 -15.28
N THR A 329 22.13 3.62 -12.28
CA THR A 329 21.66 2.56 -11.42
C THR A 329 21.91 2.89 -9.96
N ILE A 330 21.04 2.38 -9.10
CA ILE A 330 21.18 2.52 -7.66
C ILE A 330 21.67 1.17 -7.14
N ASN A 331 22.94 1.13 -6.74
CA ASN A 331 23.54 -0.09 -6.22
C ASN A 331 23.07 -0.45 -4.82
N HIS A 332 23.03 0.56 -3.95
N HIS A 332 23.02 0.58 -3.96
CA HIS A 332 22.58 0.36 -2.58
CA HIS A 332 22.64 0.45 -2.56
C HIS A 332 21.58 1.48 -2.25
C HIS A 332 21.58 1.50 -2.23
N ALA A 333 20.34 1.08 -1.99
CA ALA A 333 19.25 2.02 -1.68
C ALA A 333 19.63 3.07 -0.64
N PHE A 334 20.21 2.64 0.47
CA PHE A 334 20.58 3.58 1.51
C PHE A 334 21.57 4.65 1.02
N GLU A 335 22.50 4.27 0.15
N GLU A 335 22.53 4.29 0.17
CA GLU A 335 23.49 5.21 -0.39
CA GLU A 335 23.48 5.29 -0.32
C GLU A 335 22.80 6.34 -1.15
C GLU A 335 22.81 6.36 -1.18
N ALA A 336 21.68 6.02 -1.79
CA ALA A 336 20.93 6.96 -2.57
C ALA A 336 19.92 7.71 -1.70
N ARG A 337 19.98 7.52 -0.38
CA ARG A 337 19.15 8.26 0.58
C ARG A 337 20.01 9.18 1.46
N VAL A 338 21.19 8.73 1.87
CA VAL A 338 22.13 9.57 2.68
C VAL A 338 22.83 10.65 1.93
N ALA A 339 22.82 10.57 0.60
CA ALA A 339 23.53 11.56 -0.19
C ALA A 339 22.93 11.59 -1.59
N PRO A 340 23.23 12.66 -2.33
CA PRO A 340 22.71 12.77 -3.68
C PRO A 340 23.16 11.59 -4.53
N HIS A 341 22.31 11.24 -5.48
CA HIS A 341 22.59 10.18 -6.41
C HIS A 341 22.11 10.66 -7.78
N PRO A 342 22.81 10.30 -8.87
CA PRO A 342 22.35 10.77 -10.18
C PRO A 342 20.86 10.47 -10.48
N PHE A 343 20.34 9.37 -9.99
CA PHE A 343 18.95 9.03 -10.26
C PHE A 343 17.95 9.90 -9.45
N THR A 344 18.24 10.21 -8.19
CA THR A 344 17.36 11.09 -7.42
C THR A 344 17.45 12.53 -7.97
N ASN A 345 18.65 12.89 -8.41
CA ASN A 345 18.87 14.18 -9.04
C ASN A 345 18.02 14.28 -10.30
N PHE A 346 18.04 13.20 -11.08
CA PHE A 346 17.25 13.12 -12.29
C PHE A 346 15.75 13.26 -12.04
N MSE A 347 15.22 12.53 -11.06
CA MSE A 347 13.79 12.57 -10.76
C MSE A 347 13.40 13.95 -10.34
O MSE A 347 12.43 14.50 -10.85
CB MSE A 347 13.37 11.54 -9.71
CG MSE A 347 13.39 10.12 -10.28
SE MSE A 347 12.39 8.91 -9.08
CE MSE A 347 13.64 8.92 -7.56
N ASN A 348 14.13 14.52 -9.40
CA ASN A 348 13.85 15.89 -8.95
C ASN A 348 13.95 16.93 -10.08
N TYR A 349 14.93 16.78 -10.97
CA TYR A 349 15.05 17.67 -12.08
C TYR A 349 13.83 17.58 -12.98
N ALA A 350 13.34 16.36 -13.26
CA ALA A 350 12.16 16.22 -14.10
C ALA A 350 10.96 16.94 -13.49
N LEU A 351 10.82 16.85 -12.18
CA LEU A 351 9.72 17.50 -11.47
C LEU A 351 9.89 19.03 -11.48
N LEU A 352 11.11 19.51 -11.28
CA LEU A 352 11.35 20.95 -11.33
C LEU A 352 11.02 21.51 -12.71
N GLU A 353 11.42 20.79 -13.77
N GLU A 353 11.42 20.79 -13.77
CA GLU A 353 11.18 21.23 -15.14
CA GLU A 353 11.18 21.26 -15.13
C GLU A 353 9.72 21.21 -15.55
C GLU A 353 9.71 21.24 -15.51
N LYS A 354 8.98 20.22 -15.06
CA LYS A 354 7.58 20.10 -15.37
C LYS A 354 6.75 21.13 -14.63
N SER A 355 7.11 21.39 -13.37
CA SER A 355 6.31 22.24 -12.48
C SER A 355 6.70 23.69 -12.32
N ASP A 356 7.96 24.00 -12.62
N ASP A 356 7.96 24.00 -12.61
CA ASP A 356 8.54 25.34 -12.48
CA ASP A 356 8.53 25.35 -12.49
C ASP A 356 8.54 25.83 -11.04
C ASP A 356 8.54 25.83 -11.04
N ALA A 357 8.48 24.90 -10.09
CA ALA A 357 8.49 25.26 -8.66
C ALA A 357 9.90 25.60 -8.19
N ASP A 358 10.01 26.21 -7.02
CA ASP A 358 11.32 26.52 -6.48
C ASP A 358 11.99 25.24 -5.98
N VAL A 359 11.17 24.33 -5.45
CA VAL A 359 11.64 23.12 -4.84
C VAL A 359 10.76 21.94 -5.27
N ALA A 360 11.36 20.77 -5.32
CA ALA A 360 10.65 19.53 -5.63
C ALA A 360 11.15 18.46 -4.68
N CYS A 361 10.41 17.35 -4.58
CA CYS A 361 10.84 16.24 -3.78
C CYS A 361 10.17 14.97 -4.24
N THR A 362 10.84 13.86 -3.95
CA THR A 362 10.31 12.51 -4.21
C THR A 362 10.95 11.51 -3.27
N ALA A 363 10.20 10.46 -2.95
CA ALA A 363 10.71 9.39 -2.14
C ALA A 363 11.45 8.46 -3.09
N LEU A 364 12.32 7.62 -2.55
CA LEU A 364 12.94 6.57 -3.34
C LEU A 364 12.11 5.33 -2.95
N PHE A 365 11.34 4.83 -3.89
CA PHE A 365 10.48 3.66 -3.60
C PHE A 365 11.25 2.32 -3.49
N ASP A 366 10.68 1.37 -2.77
CA ASP A 366 11.38 0.11 -2.49
C ASP A 366 11.88 -0.66 -3.71
N SER A 367 11.15 -0.58 -4.80
CA SER A 367 11.53 -1.24 -6.05
C SER A 367 12.42 -0.35 -6.98
N ALA A 368 12.80 0.83 -6.48
CA ALA A 368 13.56 1.78 -7.28
C ALA A 368 15.02 1.46 -7.38
N SER A 369 15.41 0.77 -8.44
CA SER A 369 16.82 0.45 -8.69
C SER A 369 17.47 1.42 -9.70
N GLY A 370 16.81 2.53 -10.00
CA GLY A 370 17.36 3.50 -10.95
C GLY A 370 17.26 2.99 -12.38
N PHE A 371 17.94 3.68 -13.31
CA PHE A 371 17.91 3.27 -14.70
C PHE A 371 19.30 2.86 -15.20
N LYS A 372 19.31 1.85 -16.05
CA LYS A 372 20.53 1.45 -16.74
C LYS A 372 20.44 2.29 -18.00
N GLN A 373 21.37 2.11 -18.93
CA GLN A 373 21.35 2.88 -20.15
C GLN A 373 20.10 2.60 -20.97
N VAL A 374 19.69 1.33 -21.05
CA VAL A 374 18.47 1.01 -21.77
C VAL A 374 17.35 1.03 -20.73
N VAL A 375 16.33 1.82 -21.01
CA VAL A 375 15.20 1.97 -20.10
C VAL A 375 13.96 1.38 -20.76
N THR A 376 13.32 0.44 -20.05
CA THR A 376 12.09 -0.18 -20.55
C THR A 376 10.92 0.21 -19.62
N MSE A 377 9.71 -0.11 -20.04
CA MSE A 377 8.49 0.18 -19.24
C MSE A 377 8.66 -0.42 -17.84
O MSE A 377 8.32 0.21 -16.83
CB MSE A 377 7.28 -0.35 -20.01
CG MSE A 377 5.95 -0.09 -19.31
SE MSE A 377 5.69 1.81 -18.80
CE MSE A 377 5.04 2.32 -20.57
N ARG A 378 9.22 -1.63 -17.81
CA ARG A 378 9.50 -2.38 -16.55
C ARG A 378 10.28 -1.51 -15.57
N ASP A 379 11.33 -0.87 -16.06
CA ASP A 379 12.19 -0.03 -15.24
C ASP A 379 11.48 1.21 -14.72
N VAL A 380 10.67 1.85 -15.56
CA VAL A 380 9.94 3.05 -15.18
C VAL A 380 8.97 2.74 -14.05
N ILE A 381 8.24 1.63 -14.19
CA ILE A 381 7.26 1.25 -13.19
C ILE A 381 7.93 0.90 -11.85
N ASN A 382 9.04 0.16 -11.90
CA ASN A 382 9.75 -0.19 -10.67
C ASN A 382 10.24 1.03 -9.93
N ASN A 383 10.62 2.06 -10.67
CA ASN A 383 11.08 3.31 -10.02
C ASN A 383 9.94 4.23 -9.58
N TYR A 384 8.76 4.11 -10.17
CA TYR A 384 7.61 4.90 -9.72
C TYR A 384 6.40 3.96 -9.75
N PRO A 385 6.21 3.16 -8.69
CA PRO A 385 5.16 2.14 -8.68
C PRO A 385 3.78 2.60 -8.21
N PHE A 386 3.57 3.89 -7.97
CA PHE A 386 2.26 4.35 -7.56
C PHE A 386 1.63 5.25 -8.63
N PRO A 387 0.29 5.28 -8.69
CA PRO A 387 -0.34 6.17 -9.66
C PRO A 387 -0.55 7.60 -9.10
N ASN A 388 0.53 8.24 -8.68
CA ASN A 388 0.49 9.59 -8.15
C ASN A 388 0.58 10.67 -9.22
N THR A 389 -0.16 11.76 -9.00
CA THR A 389 -0.08 12.94 -9.84
C THR A 389 0.68 13.91 -8.95
N PHE A 390 0.85 15.15 -9.39
CA PHE A 390 1.62 16.12 -8.61
C PHE A 390 0.93 17.45 -8.35
N LYS A 391 1.40 18.14 -7.32
CA LYS A 391 0.86 19.40 -6.98
C LYS A 391 1.96 20.36 -6.57
N VAL A 392 1.87 21.59 -7.06
CA VAL A 392 2.80 22.64 -6.63
C VAL A 392 2.08 23.38 -5.54
N LEU A 393 2.72 23.46 -4.38
CA LEU A 393 2.14 24.09 -3.21
C LEU A 393 2.93 25.28 -2.78
N ALA A 394 2.24 26.29 -2.26
CA ALA A 394 2.84 27.51 -1.75
C ALA A 394 3.02 27.32 -0.26
N VAL A 395 4.28 27.36 0.17
CA VAL A 395 4.63 27.15 1.57
C VAL A 395 5.65 28.19 2.05
N SER A 396 5.59 28.56 3.32
CA SER A 396 6.58 29.47 3.87
C SER A 396 7.90 28.70 3.97
N GLY A 397 9.00 29.43 4.13
CA GLY A 397 10.31 28.80 4.27
C GLY A 397 10.34 27.96 5.55
N ALA A 398 9.55 28.37 6.53
CA ALA A 398 9.43 27.65 7.80
C ALA A 398 8.67 26.32 7.60
N LYS A 399 7.62 26.33 6.77
CA LYS A 399 6.90 25.09 6.50
C LYS A 399 7.80 24.13 5.70
N LEU A 400 8.59 24.69 4.78
CA LEU A 400 9.52 23.87 4.00
C LEU A 400 10.48 23.18 4.95
N LYS A 401 11.02 23.93 5.92
CA LYS A 401 11.93 23.33 6.88
C LYS A 401 11.25 22.21 7.66
N GLU A 402 9.97 22.38 8.01
CA GLU A 402 9.24 21.36 8.74
C GLU A 402 9.15 20.06 7.93
N ALA A 403 8.99 20.20 6.63
CA ALA A 403 8.91 19.03 5.76
C ALA A 403 10.28 18.36 5.71
N ILE A 404 11.37 19.14 5.61
CA ILE A 404 12.70 18.51 5.53
C ILE A 404 13.02 17.87 6.89
N GLU A 405 12.54 18.45 7.99
CA GLU A 405 12.77 17.86 9.32
C GLU A 405 12.00 16.52 9.44
N ARG A 406 10.85 16.43 8.78
CA ARG A 406 10.06 15.17 8.84
C ARG A 406 10.88 14.07 8.15
N SER A 407 11.36 14.35 6.94
CA SER A 407 12.21 13.41 6.22
C SER A 407 13.44 13.05 7.04
N ALA A 408 14.11 14.05 7.67
CA ALA A 408 15.31 13.81 8.48
C ALA A 408 15.09 12.85 9.67
N GLU A 409 13.84 12.65 10.05
CA GLU A 409 13.47 11.70 11.12
C GLU A 409 13.75 10.25 10.69
N TYR A 410 13.91 10.06 9.39
CA TYR A 410 14.23 8.76 8.79
C TYR A 410 15.55 8.22 9.28
N PHE A 411 16.47 9.08 9.70
CA PHE A 411 17.77 8.66 10.14
C PHE A 411 17.92 8.58 11.65
N ASP A 412 18.89 7.77 12.07
CA ASP A 412 19.29 7.64 13.45
C ASP A 412 20.77 7.31 13.42
N VAL A 413 21.42 7.23 14.57
CA VAL A 413 22.82 6.89 14.64
C VAL A 413 22.97 5.57 15.38
N LYS A 414 23.67 4.63 14.76
CA LYS A 414 23.97 3.32 15.37
C LYS A 414 25.47 3.23 15.34
N ASN A 415 26.07 3.10 16.53
CA ASN A 415 27.51 3.13 16.69
C ASN A 415 27.88 4.58 16.43
N ASP A 416 28.74 4.82 15.46
CA ASP A 416 29.11 6.17 15.08
C ASP A 416 28.76 6.35 13.62
N GLU A 417 27.76 5.59 13.17
CA GLU A 417 27.34 5.64 11.78
C GLU A 417 25.88 6.04 11.66
N VAL A 418 25.61 6.78 10.61
CA VAL A 418 24.27 7.21 10.30
C VAL A 418 23.59 5.97 9.77
N SER A 419 22.40 5.68 10.27
CA SER A 419 21.63 4.52 9.82
C SER A 419 20.15 4.88 9.77
N VAL A 420 19.27 3.90 9.54
CA VAL A 420 17.86 4.15 9.48
C VAL A 420 17.20 3.97 10.86
N SER A 421 16.28 4.87 11.18
CA SER A 421 15.59 4.84 12.44
C SER A 421 14.65 3.64 12.57
N ALA A 422 14.59 3.08 13.77
CA ALA A 422 13.69 1.99 14.10
C ALA A 422 12.27 2.35 13.73
N ASP A 423 11.90 3.61 13.99
CA ASP A 423 10.57 4.15 13.67
C ASP A 423 10.14 3.92 12.22
N PHE A 424 11.11 3.85 11.31
CA PHE A 424 10.85 3.69 9.88
C PHE A 424 11.05 2.28 9.36
N LEU A 425 11.41 1.36 10.26
CA LEU A 425 11.63 -0.05 9.94
C LEU A 425 10.64 -1.00 10.62
N GLU A 426 10.22 -0.67 11.84
CA GLU A 426 9.33 -1.52 12.62
C GLU A 426 7.97 -0.85 12.89
N PRO A 427 6.88 -1.63 12.94
CA PRO A 427 6.87 -3.09 12.73
C PRO A 427 7.27 -3.47 11.30
N LYS A 428 7.07 -2.57 10.35
CA LYS A 428 7.46 -2.80 8.95
C LYS A 428 8.09 -1.55 8.30
N PRO A 429 8.89 -1.77 7.23
CA PRO A 429 9.60 -0.66 6.60
C PRO A 429 8.71 0.42 5.96
N GLN A 430 9.10 1.68 6.14
CA GLN A 430 8.41 2.84 5.58
C GLN A 430 9.43 3.77 4.91
N HIS A 431 10.29 3.21 4.06
CA HIS A 431 11.33 3.99 3.39
C HIS A 431 10.71 5.02 2.44
N PHE A 432 9.52 4.69 1.95
CA PHE A 432 8.79 5.57 1.06
C PHE A 432 8.33 6.86 1.75
N ASN A 433 8.57 6.99 3.05
CA ASN A 433 8.24 8.19 3.80
C ASN A 433 9.43 9.11 3.96
N TYR A 434 10.54 8.80 3.29
CA TYR A 434 11.71 9.66 3.28
C TYR A 434 11.79 10.36 1.94
N ASP A 435 11.93 11.67 1.95
CA ASP A 435 11.99 12.42 0.67
C ASP A 435 13.33 13.02 0.48
N ILE A 436 13.72 13.04 -0.81
CA ILE A 436 14.92 13.70 -1.26
C ILE A 436 14.46 14.95 -1.98
N TYR A 437 15.03 16.11 -1.62
CA TYR A 437 14.60 17.38 -2.18
C TYR A 437 15.55 17.96 -3.22
N GLY A 438 14.97 18.65 -4.18
CA GLY A 438 15.73 19.34 -5.23
C GLY A 438 15.40 20.82 -5.25
N GLY A 439 16.39 21.63 -5.61
CA GLY A 439 16.18 23.05 -5.68
C GLY A 439 16.57 23.72 -4.39
N VAL A 440 16.74 22.93 -3.34
CA VAL A 440 17.14 23.44 -2.04
C VAL A 440 18.28 22.57 -1.54
N SER A 441 19.34 23.21 -1.05
CA SER A 441 20.47 22.50 -0.49
C SER A 441 20.34 22.60 1.03
N TYR A 442 20.84 21.59 1.73
CA TYR A 442 20.70 21.48 3.18
C TYR A 442 21.63 20.44 3.78
N THR A 443 21.76 20.53 5.10
CA THR A 443 22.59 19.67 5.88
C THR A 443 21.72 19.08 6.96
N ILE A 444 21.74 17.77 7.08
CA ILE A 444 21.00 17.08 8.13
C ILE A 444 22.00 16.60 9.17
N HIS A 445 21.78 16.96 10.43
CA HIS A 445 22.63 16.55 11.57
C HIS A 445 21.84 15.53 12.37
N VAL A 446 22.08 14.25 12.11
CA VAL A 446 21.29 13.15 12.72
C VAL A 446 21.47 13.06 14.25
N GLY A 447 22.61 13.49 14.77
CA GLY A 447 22.85 13.45 16.20
C GLY A 447 22.02 14.47 16.99
N ARG A 448 21.35 15.40 16.31
CA ARG A 448 20.55 16.43 16.98
C ARG A 448 19.10 15.99 17.13
N PRO A 449 18.36 16.59 18.08
CA PRO A 449 16.99 16.13 18.28
C PRO A 449 16.13 16.29 17.04
N LYS A 450 15.19 15.37 16.87
CA LYS A 450 14.28 15.42 15.74
C LYS A 450 13.57 16.77 15.73
N GLY A 451 13.36 17.32 14.55
CA GLY A 451 12.74 18.63 14.43
C GLY A 451 13.75 19.79 14.43
N GLN A 452 15.02 19.54 14.76
CA GLN A 452 16.02 20.62 14.69
C GLN A 452 17.34 20.13 14.10
N ARG A 453 17.22 19.24 13.13
CA ARG A 453 18.34 18.61 12.47
C ARG A 453 18.72 19.24 11.15
N VAL A 454 17.85 20.10 10.59
CA VAL A 454 18.12 20.68 9.27
C VAL A 454 18.84 22.04 9.42
N SER A 455 19.96 22.18 8.74
CA SER A 455 20.80 23.38 8.77
C SER A 455 21.22 23.76 7.37
N ASN A 456 21.74 24.98 7.27
CA ASN A 456 22.31 25.52 6.04
C ASN A 456 21.38 25.54 4.82
N MSE A 457 20.09 25.80 5.04
CA MSE A 457 19.13 25.76 3.91
C MSE A 457 19.35 26.89 2.94
O MSE A 457 19.41 28.04 3.34
CB MSE A 457 17.69 25.83 4.39
CG MSE A 457 17.22 24.58 5.08
SE MSE A 457 15.31 24.78 5.50
CE MSE A 457 14.64 24.84 3.67
N MSE A 458 19.45 26.59 1.65
N MSE A 458 19.45 26.57 1.65
CA MSE A 458 19.67 27.60 0.63
CA MSE A 458 19.68 27.56 0.61
C MSE A 458 18.91 27.30 -0.61
C MSE A 458 18.87 27.28 -0.60
O MSE A 458 18.93 26.17 -1.10
O MSE A 458 18.84 26.15 -1.07
CB MSE A 458 21.13 27.72 0.22
CB MSE A 458 21.10 27.54 0.04
CG MSE A 458 22.04 28.00 1.41
CG MSE A 458 22.20 27.76 1.05
SE MSE A 458 21.96 29.91 1.89
SE MSE A 458 23.77 28.41 0.05
CE MSE A 458 23.37 30.47 0.64
CE MSE A 458 23.57 30.29 0.60
N ILE A 459 18.24 28.32 -1.14
CA ILE A 459 17.46 28.24 -2.37
C ILE A 459 18.02 29.32 -3.30
N GLN A 460 18.81 28.91 -4.29
CA GLN A 460 19.41 29.82 -5.27
C GLN A 460 20.31 30.94 -4.69
N GLY A 461 21.38 30.51 -4.02
CA GLY A 461 22.39 31.41 -3.48
C GLY A 461 21.94 32.23 -2.30
N HIS A 462 20.70 32.01 -1.89
CA HIS A 462 20.15 32.75 -0.77
C HIS A 462 19.63 31.82 0.29
N ALA A 463 19.84 32.24 1.52
CA ALA A 463 19.40 31.52 2.69
C ALA A 463 17.91 31.50 2.65
N VAL A 464 17.34 30.39 3.10
CA VAL A 464 15.90 30.28 3.11
C VAL A 464 15.35 31.22 4.17
N ASP A 465 14.52 32.15 3.70
CA ASP A 465 13.86 33.08 4.57
C ASP A 465 12.61 32.35 5.08
N LEU A 466 12.55 32.10 6.38
CA LEU A 466 11.42 31.40 7.00
C LEU A 466 10.07 32.08 6.77
N LYS A 467 10.08 33.39 6.50
CA LYS A 467 8.85 34.16 6.28
C LYS A 467 8.46 34.36 4.81
N GLN A 468 9.37 34.11 3.87
CA GLN A 468 9.05 34.27 2.43
C GLN A 468 8.22 33.10 1.95
N THR A 469 7.43 33.29 0.90
CA THR A 469 6.63 32.22 0.32
C THR A 469 7.39 31.53 -0.84
N TYR A 470 7.47 30.20 -0.82
CA TYR A 470 8.17 29.43 -1.87
C TYR A 470 7.20 28.43 -2.42
N THR A 471 7.55 27.81 -3.53
CA THR A 471 6.72 26.78 -4.13
C THR A 471 7.45 25.44 -4.16
N ILE A 472 6.68 24.36 -3.92
CA ILE A 472 7.24 23.05 -3.91
C ILE A 472 6.35 22.07 -4.66
N CYS A 473 6.98 21.29 -5.51
CA CYS A 473 6.28 20.22 -6.24
C CYS A 473 6.35 18.96 -5.40
N VAL A 474 5.17 18.44 -5.01
CA VAL A 474 5.08 17.22 -4.25
C VAL A 474 4.09 16.31 -4.95
N ASN A 475 4.10 15.02 -4.61
CA ASN A 475 3.08 14.12 -5.22
C ASN A 475 1.73 14.25 -4.50
N ASN A 476 0.66 13.71 -5.08
CA ASN A 476 -0.67 13.89 -4.48
C ASN A 476 -0.81 13.24 -3.11
N TYR A 477 -0.04 12.18 -2.89
CA TYR A 477 -0.04 11.47 -1.60
C TYR A 477 0.46 12.45 -0.55
N ARG A 478 1.62 13.03 -0.81
CA ARG A 478 2.15 14.03 0.11
C ARG A 478 1.22 15.24 0.30
N ALA A 479 0.61 15.73 -0.78
CA ALA A 479 -0.27 16.89 -0.75
C ALA A 479 -1.39 16.81 0.28
N VAL A 480 -1.93 15.61 0.51
CA VAL A 480 -2.98 15.43 1.53
C VAL A 480 -2.43 14.92 2.88
N GLY A 481 -1.11 14.96 3.04
CA GLY A 481 -0.46 14.60 4.32
C GLY A 481 0.12 13.19 4.48
N GLY A 482 0.09 12.40 3.41
CA GLY A 482 0.53 11.03 3.46
C GLY A 482 1.93 10.91 4.01
N GLY A 483 2.13 9.95 4.90
CA GLY A 483 3.43 9.72 5.51
C GLY A 483 3.73 10.72 6.61
N GLN A 484 2.69 11.32 7.20
CA GLN A 484 2.82 12.31 8.28
C GLN A 484 3.50 13.60 7.84
N TYR A 485 3.19 14.05 6.62
CA TYR A 485 3.64 15.33 6.09
C TYR A 485 2.41 16.27 6.15
N ASP A 486 1.95 16.46 7.38
CA ASP A 486 0.77 17.27 7.66
C ASP A 486 0.90 18.76 7.34
N MSE A 487 2.12 19.28 7.27
CA MSE A 487 2.33 20.68 6.96
C MSE A 487 1.87 21.03 5.55
O MSE A 487 1.63 22.19 5.27
CB MSE A 487 3.79 21.09 7.22
CG MSE A 487 4.84 20.62 6.18
SE MSE A 487 5.10 18.67 5.97
CE MSE A 487 5.72 18.27 7.79
N TYR A 488 1.71 20.05 4.66
CA TYR A 488 1.24 20.38 3.32
C TYR A 488 -0.27 20.50 3.18
N ILE A 489 -1.01 20.00 4.17
CA ILE A 489 -2.48 19.99 4.08
C ILE A 489 -3.05 21.39 3.94
N ASP A 490 -3.92 21.56 2.95
CA ASP A 490 -4.53 22.87 2.71
C ASP A 490 -3.54 23.99 2.31
N ALA A 491 -2.31 23.68 1.89
CA ALA A 491 -1.40 24.72 1.42
C ALA A 491 -2.00 25.15 0.07
N PRO A 492 -1.94 26.45 -0.25
CA PRO A 492 -2.56 26.87 -1.52
C PRO A 492 -1.99 26.10 -2.70
N VAL A 493 -2.85 25.66 -3.62
CA VAL A 493 -2.39 24.88 -4.78
C VAL A 493 -2.10 25.79 -5.97
N VAL A 494 -0.83 25.92 -6.26
CA VAL A 494 -0.34 26.79 -7.32
C VAL A 494 -0.49 26.16 -8.67
N LYS A 495 -0.37 24.83 -8.70
CA LYS A 495 -0.48 24.06 -9.95
C LYS A 495 -0.88 22.62 -9.63
N ASP A 496 -1.82 22.11 -10.40
CA ASP A 496 -2.35 20.77 -10.27
C ASP A 496 -1.86 20.05 -11.52
N ILE A 497 -0.83 19.21 -11.35
CA ILE A 497 -0.22 18.50 -12.47
C ILE A 497 -0.80 17.10 -12.60
N GLN A 498 -1.75 16.95 -13.52
CA GLN A 498 -2.46 15.70 -13.75
C GLN A 498 -1.73 14.75 -14.70
N VAL A 499 -0.46 14.53 -14.41
CA VAL A 499 0.33 13.57 -15.15
C VAL A 499 0.87 12.67 -14.05
N GLU A 500 0.63 11.37 -14.19
CA GLU A 500 1.09 10.40 -13.19
C GLU A 500 2.60 10.20 -13.29
N GLY A 501 3.19 9.75 -12.21
CA GLY A 501 4.64 9.63 -12.10
C GLY A 501 5.34 8.87 -13.21
N ALA A 502 4.87 7.66 -13.52
CA ALA A 502 5.51 6.88 -14.57
C ALA A 502 5.51 7.63 -15.90
N GLN A 503 4.37 8.20 -16.28
CA GLN A 503 4.27 8.93 -17.53
C GLN A 503 5.11 10.22 -17.53
N LEU A 504 5.18 10.90 -16.39
CA LEU A 504 5.97 12.10 -16.28
C LEU A 504 7.43 11.75 -16.58
N LEU A 505 7.94 10.67 -16.01
CA LEU A 505 9.32 10.23 -16.30
C LEU A 505 9.49 9.82 -17.78
N ILE A 506 8.48 9.14 -18.33
CA ILE A 506 8.52 8.74 -19.74
C ILE A 506 8.57 9.98 -20.65
N ASP A 507 7.74 10.98 -20.37
CA ASP A 507 7.71 12.23 -21.13
C ASP A 507 9.07 12.91 -21.10
N PHE A 508 9.63 13.09 -19.92
CA PHE A 508 10.94 13.72 -19.80
C PHE A 508 11.97 12.93 -20.61
N LEU A 509 12.00 11.62 -20.41
CA LEU A 509 12.94 10.76 -21.12
C LEU A 509 12.82 10.88 -22.63
N SER A 510 11.60 11.01 -23.13
CA SER A 510 11.36 11.10 -24.56
C SER A 510 11.72 12.46 -25.18
N ASN A 511 11.69 13.52 -24.37
CA ASN A 511 11.95 14.89 -24.84
C ASN A 511 13.37 15.43 -24.68
N ASN A 512 14.18 14.82 -23.82
N ASN A 512 14.17 14.78 -23.83
CA ASN A 512 15.57 15.28 -23.64
CA ASN A 512 15.55 15.22 -23.59
C ASN A 512 16.55 14.17 -24.01
C ASN A 512 16.53 14.12 -24.01
N ASN A 513 16.91 14.13 -25.28
CA ASN A 513 17.83 13.11 -25.82
C ASN A 513 19.25 13.12 -25.22
N LEU A 514 19.87 14.30 -25.16
CA LEU A 514 21.25 14.42 -24.65
C LEU A 514 21.39 14.18 -23.14
N MSE A 515 20.28 14.31 -22.41
CA MSE A 515 20.25 14.06 -20.97
C MSE A 515 21.33 14.78 -20.22
O MSE A 515 22.09 14.17 -19.46
CB MSE A 515 20.37 12.55 -20.71
CG MSE A 515 19.15 11.79 -21.21
SE MSE A 515 17.55 12.19 -20.11
CE MSE A 515 18.23 11.57 -18.36
N ARG A 516 21.42 16.08 -20.43
CA ARG A 516 22.39 16.90 -19.71
C ARG A 516 21.62 17.44 -18.52
N ILE A 517 21.70 16.72 -17.40
CA ILE A 517 20.94 17.05 -16.19
C ILE A 517 21.73 17.95 -15.23
N PRO A 518 21.19 19.13 -14.90
CA PRO A 518 21.91 19.98 -13.94
C PRO A 518 21.80 19.42 -12.53
N GLN A 519 22.71 19.82 -11.66
CA GLN A 519 22.69 19.32 -10.30
C GLN A 519 21.72 20.13 -9.43
N VAL A 520 20.57 19.53 -9.16
CA VAL A 520 19.54 20.17 -8.34
C VAL A 520 19.44 19.57 -6.93
N VAL A 521 20.04 18.40 -6.73
CA VAL A 521 20.06 17.72 -5.42
C VAL A 521 21.46 17.92 -4.86
N ASP A 522 21.51 18.57 -3.72
CA ASP A 522 22.75 18.90 -3.09
C ASP A 522 22.49 18.98 -1.60
N PHE A 523 22.83 17.92 -0.87
CA PHE A 523 22.60 17.85 0.57
C PHE A 523 23.62 16.93 1.21
N LYS A 524 23.66 16.95 2.52
CA LYS A 524 24.61 16.17 3.28
C LYS A 524 23.94 15.66 4.51
N VAL A 525 24.30 14.44 4.90
CA VAL A 525 23.75 13.84 6.11
C VAL A 525 24.90 13.35 6.93
N GLU A 526 24.94 13.74 8.18
CA GLU A 526 26.02 13.36 9.04
C GLU A 526 25.52 13.49 10.46
N LYS A 527 26.35 13.17 11.44
CA LYS A 527 25.93 13.34 12.83
C LYS A 527 25.61 14.80 13.11
MG MG B . -3.71 -1.03 2.45
MN MN C . -1.52 -3.06 0.91
O5' 3D1 D . -0.11 3.62 4.92
C5' 3D1 D . 0.27 4.16 3.66
C4' 3D1 D . -0.31 3.33 2.52
O4' 3D1 D . -0.12 4.08 1.34
C1' 3D1 D . 0.83 3.46 0.46
N9 3D1 D . 1.74 4.50 -0.10
C4 3D1 D . 1.41 5.19 -1.18
N3 3D1 D . 0.33 5.20 -2.00
C2 3D1 D . 0.28 6.04 -3.05
N1 3D1 D . 1.27 6.93 -3.33
C6 3D1 D . 2.40 7.02 -2.59
N6 3D1 D . 3.37 7.93 -2.91
C5 3D1 D . 2.52 6.13 -1.42
N7 3D1 D . 3.44 5.90 -0.45
C8 3D1 D . 2.95 4.91 0.35
C2' 3D1 D . 1.49 2.34 1.26
C3' 3D1 D . 0.38 2.01 2.25
O3' 3D1 D . -0.53 1.09 1.61
#